data_3GED
#
_entry.id   3GED
#
_cell.length_a   124.287
_cell.length_b   124.287
_cell.length_c   162.608
_cell.angle_alpha   90.000
_cell.angle_beta   90.000
_cell.angle_gamma   90.000
#
_symmetry.space_group_name_H-M   'I 41 2 2'
#
loop_
_entity.id
_entity.type
_entity.pdbx_description
1 polymer 'Short-chain dehydrogenase/reductase SDR'
2 non-polymer GLYCEROL
3 non-polymer THIOSULFATE
4 non-polymer 'SODIUM ION'
5 water water
#
_entity_poly.entity_id   1
_entity_poly.type   'polypeptide(L)'
_entity_poly.pdbx_seq_one_letter_code
;MNRGVIVTGGGHGIGKQICLDFLEAGDKVCFIDIDEKRSADFAKERPNLFYFHGDVADPLTLKKFVEYAMEKLQRIDVLV
NNACRGSKGILSSLLYEEFDYILSVGLKAPYELSRLCRDELIKNKGRIINIASTRAFQSEPDSEAYASAKGGIVALTHAL
AMSLGPDVLVNCIAPGWINVTEQQEFTQEDCAAIPAGKVGTPKDISNMVLFLCQQDFITGETIIVDGGMSKRMIYHGDWN
WFYKIDK
;
_entity_poly.pdbx_strand_id   A,B
#
loop_
_chem_comp.id
_chem_comp.type
_chem_comp.name
_chem_comp.formula
GOL non-polymer GLYCEROL 'C3 H8 O3'
NA non-polymer 'SODIUM ION' 'Na 1'
THJ non-polymer THIOSULFATE 'O3 S2 -2'
#
# COMPACT_ATOMS: atom_id res chain seq x y z
N ASN A 2 -0.23 15.47 18.24
CA ASN A 2 -1.09 16.63 18.39
C ASN A 2 -2.42 16.54 17.63
N ARG A 3 -2.82 15.33 17.23
CA ARG A 3 -4.06 15.17 16.47
C ARG A 3 -5.18 14.67 17.35
N GLY A 4 -6.41 14.97 16.96
CA GLY A 4 -7.58 14.35 17.57
C GLY A 4 -7.97 13.22 16.63
N VAL A 5 -8.10 12.00 17.17
CA VAL A 5 -8.32 10.82 16.34
C VAL A 5 -9.55 10.10 16.88
N ILE A 6 -10.47 9.74 15.97
CA ILE A 6 -11.59 8.93 16.42
C ILE A 6 -11.50 7.58 15.74
N VAL A 7 -11.83 6.53 16.50
CA VAL A 7 -11.66 5.16 16.05
C VAL A 7 -12.90 4.34 16.42
N THR A 8 -13.38 3.53 15.49
CA THR A 8 -14.51 2.66 15.82
C THR A 8 -13.98 1.28 16.09
N GLY A 9 -14.70 0.51 16.91
CA GLY A 9 -14.21 -0.81 17.25
C GLY A 9 -12.92 -0.76 18.05
N GLY A 10 -12.76 0.26 18.90
CA GLY A 10 -11.47 0.52 19.49
C GLY A 10 -11.10 -0.26 20.74
N GLY A 11 -12.02 -1.07 21.24
CA GLY A 11 -11.81 -1.71 22.53
C GLY A 11 -11.14 -3.07 22.42
N HIS A 12 -10.84 -3.51 21.21
CA HIS A 12 -10.28 -4.85 21.07
C HIS A 12 -9.53 -4.96 19.76
N GLY A 13 -8.67 -5.98 19.67
CA GLY A 13 -8.07 -6.38 18.41
C GLY A 13 -7.38 -5.28 17.64
N ILE A 14 -7.67 -5.19 16.35
CA ILE A 14 -7.01 -4.19 15.50
C ILE A 14 -7.31 -2.76 15.99
N GLY A 15 -8.56 -2.50 16.35
CA GLY A 15 -8.90 -1.15 16.81
C GLY A 15 -8.11 -0.74 18.01
N LYS A 16 -7.93 -1.68 18.94
CA LYS A 16 -7.23 -1.40 20.18
C LYS A 16 -5.79 -1.00 19.89
N GLN A 17 -5.15 -1.74 18.97
CA GLN A 17 -3.76 -1.49 18.66
C GLN A 17 -3.60 -0.15 17.92
N ILE A 18 -4.57 0.19 17.07
CA ILE A 18 -4.57 1.49 16.41
C ILE A 18 -4.67 2.60 17.44
N CYS A 19 -5.56 2.45 18.43
CA CYS A 19 -5.64 3.48 19.46
C CYS A 19 -4.32 3.65 20.19
N LEU A 20 -3.73 2.54 20.59
CA LEU A 20 -2.44 2.59 21.27
C LEU A 20 -1.35 3.26 20.46
N ASP A 21 -1.28 2.93 19.18
CA ASP A 21 -0.29 3.52 18.31
C ASP A 21 -0.46 5.03 18.16
N PHE A 22 -1.69 5.50 18.03
CA PHE A 22 -1.90 6.95 18.04
C PHE A 22 -1.56 7.60 19.37
N LEU A 23 -1.87 6.94 20.51
CA LEU A 23 -1.47 7.51 21.80
C LEU A 23 0.03 7.63 21.84
N GLU A 24 0.72 6.61 21.36
CA GLU A 24 2.18 6.63 21.40
C GLU A 24 2.76 7.75 20.52
N ALA A 25 2.07 8.04 19.41
CA ALA A 25 2.46 9.11 18.49
C ALA A 25 2.19 10.50 19.07
N GLY A 26 1.53 10.57 20.21
CA GLY A 26 1.30 11.84 20.87
C GLY A 26 -0.10 12.40 20.69
N ASP A 27 -0.99 11.60 20.09
CA ASP A 27 -2.33 12.08 19.80
C ASP A 27 -3.32 11.83 20.92
N LYS A 28 -4.50 12.43 20.83
CA LYS A 28 -5.60 12.12 21.73
C LYS A 28 -6.61 11.32 20.95
N VAL A 29 -7.21 10.32 21.60
CA VAL A 29 -7.99 9.36 20.84
C VAL A 29 -9.31 9.14 21.54
N CYS A 30 -10.39 9.16 20.79
CA CYS A 30 -11.70 8.83 21.31
C CYS A 30 -12.24 7.66 20.50
N PHE A 31 -12.68 6.60 21.17
CA PHE A 31 -13.14 5.44 20.42
C PHE A 31 -14.52 5.03 20.88
N ILE A 32 -15.27 4.45 19.95
CA ILE A 32 -16.54 3.82 20.28
C ILE A 32 -16.41 2.30 20.20
N ASP A 33 -17.18 1.62 21.05
CA ASP A 33 -17.10 0.17 21.09
C ASP A 33 -18.32 -0.35 21.83
N ILE A 34 -18.79 -1.52 21.38
CA ILE A 34 -20.00 -2.13 21.95
C ILE A 34 -19.81 -2.78 23.33
N ASP A 35 -18.58 -3.11 23.71
CA ASP A 35 -18.38 -3.78 25.00
C ASP A 35 -17.85 -2.87 26.09
N GLU A 36 -18.75 -2.46 26.98
CA GLU A 36 -18.40 -1.44 27.95
C GLU A 36 -17.24 -1.84 28.86
N LYS A 37 -17.26 -3.06 29.38
CA LYS A 37 -16.28 -3.46 30.39
C LYS A 37 -14.84 -3.42 29.86
N ARG A 38 -14.60 -4.08 28.74
CA ARG A 38 -13.26 -4.14 28.19
C ARG A 38 -12.81 -2.75 27.79
N SER A 39 -13.75 -1.98 27.25
CA SER A 39 -13.44 -0.64 26.76
C SER A 39 -13.16 0.35 27.88
N ALA A 40 -13.96 0.30 28.94
CA ALA A 40 -13.67 1.17 30.07
C ALA A 40 -12.30 0.84 30.65
N ASP A 41 -12.01 -0.45 30.80
CA ASP A 41 -10.71 -0.88 31.29
C ASP A 41 -9.57 -0.33 30.42
N PHE A 42 -9.74 -0.41 29.09
CA PHE A 42 -8.70 0.01 28.16
C PHE A 42 -8.38 1.49 28.37
N ALA A 43 -9.44 2.28 28.53
CA ALA A 43 -9.31 3.72 28.73
C ALA A 43 -8.84 4.12 30.14
N LYS A 44 -8.96 3.22 31.11
CA LYS A 44 -8.70 3.58 32.51
C LYS A 44 -7.25 4.02 32.74
N GLU A 45 -7.07 5.15 33.43
CA GLU A 45 -5.74 5.63 33.76
C GLU A 45 -4.88 5.89 32.51
N ARG A 46 -5.55 6.21 31.41
CA ARG A 46 -4.89 6.71 30.20
C ARG A 46 -5.55 8.02 29.80
N PRO A 47 -5.04 9.14 30.32
CA PRO A 47 -5.81 10.40 30.25
C PRO A 47 -6.10 10.93 28.83
N ASN A 48 -5.32 10.51 27.84
CA ASN A 48 -5.56 10.96 26.45
C ASN A 48 -6.40 9.97 25.64
N LEU A 49 -7.01 8.99 26.31
CA LEU A 49 -7.79 7.97 25.64
C LEU A 49 -9.19 8.01 26.22
N PHE A 50 -10.16 8.29 25.38
CA PHE A 50 -11.54 8.45 25.85
C PHE A 50 -12.44 7.40 25.22
N TYR A 51 -13.32 6.82 26.03
CA TYR A 51 -14.16 5.76 25.50
C TYR A 51 -15.61 6.24 25.52
N PHE A 52 -16.33 5.91 24.45
CA PHE A 52 -17.76 6.13 24.29
C PHE A 52 -18.43 4.79 24.03
N HIS A 53 -19.32 4.36 24.92
CA HIS A 53 -20.02 3.09 24.72
C HIS A 53 -21.21 3.29 23.79
N GLY A 54 -21.31 2.48 22.75
CA GLY A 54 -22.49 2.51 21.90
C GLY A 54 -22.39 1.58 20.70
N ASP A 55 -23.52 1.42 20.00
CA ASP A 55 -23.55 0.60 18.79
C ASP A 55 -23.50 1.50 17.55
N VAL A 56 -22.46 1.37 16.71
CA VAL A 56 -22.35 2.18 15.52
C VAL A 56 -23.47 1.89 14.49
N ALA A 57 -24.25 0.85 14.71
CA ALA A 57 -25.38 0.50 13.84
C ALA A 57 -26.48 1.56 13.92
N ASP A 58 -26.46 2.34 15.00
CA ASP A 58 -27.52 3.32 15.25
C ASP A 58 -27.05 4.75 14.91
N PRO A 59 -27.70 5.39 13.93
CA PRO A 59 -27.24 6.69 13.44
C PRO A 59 -27.25 7.75 14.54
N LEU A 60 -28.22 7.67 15.45
CA LEU A 60 -28.27 8.66 16.49
C LEU A 60 -27.10 8.51 17.43
N THR A 61 -26.65 7.28 17.63
CA THR A 61 -25.48 7.02 18.45
C THR A 61 -24.22 7.60 17.80
N LEU A 62 -24.14 7.49 16.47
CA LEU A 62 -23.01 8.06 15.73
C LEU A 62 -22.95 9.57 15.91
N LYS A 63 -24.09 10.25 15.85
CA LYS A 63 -24.10 11.68 16.09
C LYS A 63 -23.62 12.04 17.51
N LYS A 64 -24.11 11.32 18.51
CA LYS A 64 -23.72 11.59 19.90
C LYS A 64 -22.24 11.24 20.15
N PHE A 65 -21.76 10.23 19.45
CA PHE A 65 -20.35 9.86 19.54
C PHE A 65 -19.49 10.99 19.02
N VAL A 66 -19.85 11.52 17.86
CA VAL A 66 -19.05 12.62 17.31
C VAL A 66 -19.11 13.85 18.19
N GLU A 67 -20.28 14.13 18.76
CA GLU A 67 -20.39 15.25 19.69
C GLU A 67 -19.51 15.05 20.92
N TYR A 68 -19.47 13.82 21.43
CA TYR A 68 -18.65 13.51 22.60
C TYR A 68 -17.17 13.66 22.26
N ALA A 69 -16.78 13.12 21.12
CA ALA A 69 -15.39 13.24 20.71
C ALA A 69 -14.96 14.70 20.55
N MET A 70 -15.85 15.54 19.98
CA MET A 70 -15.51 16.95 19.83
C MET A 70 -15.35 17.59 21.21
N GLU A 71 -16.17 17.18 22.16
CA GLU A 71 -16.08 17.74 23.51
C GLU A 71 -14.77 17.35 24.19
N LYS A 72 -14.33 16.11 23.96
CA LYS A 72 -13.11 15.60 24.60
C LYS A 72 -11.83 15.94 23.85
N LEU A 73 -11.88 15.92 22.53
CA LEU A 73 -10.68 16.14 21.71
C LEU A 73 -10.56 17.61 21.28
N GLN A 74 -11.70 18.27 21.13
CA GLN A 74 -11.74 19.65 20.65
C GLN A 74 -11.48 19.82 19.15
N ARG A 75 -10.98 18.77 18.50
CA ARG A 75 -10.75 18.78 17.06
C ARG A 75 -10.65 17.36 16.57
N ILE A 76 -11.05 17.14 15.32
CA ILE A 76 -10.95 15.82 14.70
C ILE A 76 -10.12 15.91 13.45
N ASP A 77 -8.98 15.20 13.48
CA ASP A 77 -8.00 15.21 12.40
C ASP A 77 -8.01 13.89 11.65
N VAL A 78 -8.40 12.81 12.34
CA VAL A 78 -8.31 11.48 11.72
C VAL A 78 -9.53 10.69 12.14
N LEU A 79 -10.15 10.01 11.18
CA LEU A 79 -11.25 9.09 11.45
C LEU A 79 -10.85 7.71 10.97
N VAL A 80 -10.88 6.72 11.85
CA VAL A 80 -10.58 5.33 11.46
C VAL A 80 -11.84 4.50 11.60
N ASN A 81 -12.33 4.01 10.48
CA ASN A 81 -13.52 3.12 10.47
C ASN A 81 -13.14 1.66 10.49
N ASN A 82 -13.42 1.00 11.61
CA ASN A 82 -13.04 -0.39 11.84
C ASN A 82 -14.24 -1.16 12.43
N ALA A 83 -14.73 -2.19 11.72
CA ALA A 83 -15.86 -3.00 12.24
C ALA A 83 -15.62 -4.48 11.96
N CYS A 84 -15.45 -5.24 13.02
CA CYS A 84 -14.94 -6.62 12.91
C CYS A 84 -16.02 -7.68 12.73
N ARG A 85 -17.27 -7.33 13.09
CA ARG A 85 -18.33 -8.35 13.23
C ARG A 85 -18.50 -9.22 11.98
N GLY A 86 -18.29 -10.52 12.14
CA GLY A 86 -18.53 -11.47 11.07
C GLY A 86 -19.98 -11.94 11.10
N SER A 87 -20.35 -12.73 10.10
CA SER A 87 -21.73 -13.12 9.97
C SER A 87 -21.79 -14.31 9.06
N LYS A 88 -22.98 -14.87 8.91
CA LYS A 88 -23.11 -15.96 7.97
C LYS A 88 -23.62 -15.40 6.66
N GLY A 89 -24.23 -16.24 5.84
CA GLY A 89 -24.75 -15.75 4.60
C GLY A 89 -25.84 -16.63 4.04
N ILE A 90 -25.82 -16.78 2.72
CA ILE A 90 -26.94 -17.40 2.03
C ILE A 90 -27.11 -18.88 2.34
N LEU A 91 -26.04 -19.58 2.69
CA LEU A 91 -26.15 -21.02 2.97
C LEU A 91 -26.81 -21.25 4.33
N SER A 92 -26.66 -20.24 5.19
CA SER A 92 -27.32 -20.23 6.49
C SER A 92 -28.70 -19.56 6.39
N SER A 93 -29.06 -19.11 5.18
CA SER A 93 -30.25 -18.30 4.93
C SER A 93 -30.32 -17.10 5.87
N LEU A 94 -29.21 -16.40 6.03
CA LEU A 94 -29.16 -15.21 6.88
C LEU A 94 -30.27 -14.24 6.51
N LEU A 95 -31.13 -13.92 7.48
CA LEU A 95 -32.28 -13.08 7.21
C LEU A 95 -31.94 -11.65 6.81
N TYR A 96 -32.84 -11.04 6.06
CA TYR A 96 -32.68 -9.69 5.56
C TYR A 96 -32.24 -8.72 6.64
N GLU A 97 -32.88 -8.78 7.80
CA GLU A 97 -32.56 -7.85 8.88
C GLU A 97 -31.13 -8.01 9.41
N GLU A 98 -30.63 -9.24 9.39
CA GLU A 98 -29.29 -9.49 9.92
C GLU A 98 -28.23 -9.10 8.87
N PHE A 99 -28.54 -9.30 7.60
CA PHE A 99 -27.70 -8.81 6.50
C PHE A 99 -27.63 -7.30 6.62
N ASP A 100 -28.78 -6.67 6.83
CA ASP A 100 -28.83 -5.22 6.96
C ASP A 100 -27.98 -4.72 8.12
N TYR A 101 -28.03 -5.44 9.24
CA TYR A 101 -27.28 -5.02 10.43
C TYR A 101 -25.77 -5.01 10.14
N ILE A 102 -25.31 -6.05 9.48
CA ILE A 102 -23.91 -6.11 9.05
C ILE A 102 -23.56 -4.90 8.17
N LEU A 103 -24.47 -4.52 7.27
CA LEU A 103 -24.25 -3.32 6.47
C LEU A 103 -24.26 -2.06 7.35
N SER A 104 -25.13 -2.00 8.34
CA SER A 104 -25.15 -0.82 9.21
C SER A 104 -23.82 -0.57 9.89
N VAL A 105 -23.23 -1.62 10.43
CA VAL A 105 -21.96 -1.50 11.16
C VAL A 105 -20.78 -1.31 10.22
N GLY A 106 -20.81 -1.96 9.05
CA GLY A 106 -19.62 -2.01 8.22
C GLY A 106 -19.59 -1.09 7.03
N LEU A 107 -20.72 -0.47 6.73
CA LEU A 107 -20.81 0.35 5.54
C LEU A 107 -21.59 1.65 5.78
N LYS A 108 -22.77 1.57 6.40
CA LYS A 108 -23.47 2.81 6.75
C LYS A 108 -22.69 3.64 7.76
N ALA A 109 -22.13 3.00 8.77
CA ALA A 109 -21.42 3.77 9.81
C ALA A 109 -20.22 4.54 9.26
N PRO A 110 -19.38 3.89 8.43
CA PRO A 110 -18.26 4.68 7.88
C PRO A 110 -18.74 5.86 7.06
N TYR A 111 -19.84 5.72 6.32
CA TYR A 111 -20.36 6.85 5.57
C TYR A 111 -20.83 7.97 6.48
N GLU A 112 -21.68 7.59 7.45
CA GLU A 112 -22.29 8.57 8.33
C GLU A 112 -21.25 9.27 9.20
N LEU A 113 -20.23 8.55 9.69
CA LEU A 113 -19.20 9.23 10.49
C LEU A 113 -18.39 10.17 9.61
N SER A 114 -18.12 9.75 8.37
CA SER A 114 -17.48 10.65 7.43
C SER A 114 -18.33 11.89 7.16
N ARG A 115 -19.65 11.68 7.01
CA ARG A 115 -20.54 12.82 6.78
C ARG A 115 -20.56 13.77 8.00
N LEU A 116 -20.69 13.19 9.19
CA LEU A 116 -20.76 13.99 10.41
C LEU A 116 -19.48 14.81 10.60
N CYS A 117 -18.36 14.21 10.24
CA CYS A 117 -17.04 14.80 10.44
C CYS A 117 -16.54 15.58 9.24
N ARG A 118 -17.36 15.69 8.20
CA ARG A 118 -16.93 16.22 6.91
C ARG A 118 -16.25 17.58 7.06
N ASP A 119 -16.99 18.56 7.57
CA ASP A 119 -16.45 19.92 7.68
C ASP A 119 -15.22 20.02 8.55
N GLU A 120 -15.23 19.32 9.67
CA GLU A 120 -14.09 19.32 10.56
C GLU A 120 -12.85 18.70 9.89
N LEU A 121 -13.03 17.57 9.21
CA LEU A 121 -11.89 16.99 8.53
C LEU A 121 -11.37 17.89 7.39
N ILE A 122 -12.29 18.52 6.65
CA ILE A 122 -11.88 19.43 5.57
C ILE A 122 -11.08 20.57 6.17
N LYS A 123 -11.61 21.15 7.26
CA LYS A 123 -10.93 22.28 7.89
C LYS A 123 -9.55 21.92 8.40
N ASN A 124 -9.41 20.72 8.96
CA ASN A 124 -8.17 20.29 9.52
C ASN A 124 -7.24 19.59 8.53
N LYS A 125 -7.64 19.54 7.26
CA LYS A 125 -6.89 18.79 6.24
C LYS A 125 -6.55 17.39 6.73
N GLY A 126 -7.58 16.69 7.18
CA GLY A 126 -7.38 15.41 7.85
C GLY A 126 -7.36 14.17 6.97
N ARG A 127 -7.61 13.04 7.63
CA ARG A 127 -7.48 11.74 6.95
C ARG A 127 -8.58 10.81 7.41
N ILE A 128 -9.06 9.97 6.49
CA ILE A 128 -9.98 8.91 6.83
C ILE A 128 -9.31 7.61 6.44
N ILE A 129 -9.30 6.67 7.37
CA ILE A 129 -8.76 5.33 7.04
C ILE A 129 -9.84 4.28 7.29
N ASN A 130 -10.16 3.51 6.26
CA ASN A 130 -11.19 2.48 6.40
C ASN A 130 -10.52 1.12 6.47
N ILE A 131 -10.99 0.30 7.41
CA ILE A 131 -10.44 -1.06 7.48
C ILE A 131 -11.45 -1.99 6.80
N ALA A 132 -10.99 -2.65 5.75
CA ALA A 132 -11.85 -3.61 5.03
C ALA A 132 -11.42 -5.02 5.37
N SER A 133 -11.20 -5.84 4.33
CA SER A 133 -10.80 -7.22 4.48
C SER A 133 -10.48 -7.74 3.07
N THR A 134 -9.58 -8.71 2.98
CA THR A 134 -9.41 -9.40 1.69
C THR A 134 -10.68 -10.15 1.24
N ARG A 135 -11.62 -10.33 2.15
CA ARG A 135 -12.91 -10.87 1.75
C ARG A 135 -13.73 -9.96 0.83
N ALA A 136 -13.26 -8.74 0.61
CA ALA A 136 -13.86 -7.87 -0.41
C ALA A 136 -13.61 -8.38 -1.79
N PHE A 137 -12.54 -9.19 -1.95
CA PHE A 137 -12.06 -9.49 -3.30
C PHE A 137 -12.09 -10.99 -3.70
N GLN A 138 -12.10 -11.86 -2.68
CA GLN A 138 -12.29 -13.32 -2.81
C GLN A 138 -13.21 -13.79 -1.72
N SER A 139 -13.88 -14.91 -1.93
CA SER A 139 -14.86 -15.37 -0.91
C SER A 139 -14.68 -16.82 -0.53
N GLU A 140 -14.98 -17.12 0.73
CA GLU A 140 -15.33 -18.50 1.11
C GLU A 140 -16.86 -18.59 1.05
N PRO A 141 -17.40 -19.80 1.02
CA PRO A 141 -18.86 -19.95 1.05
C PRO A 141 -19.49 -19.31 2.28
N ASP A 142 -20.75 -18.88 2.15
CA ASP A 142 -21.57 -18.39 3.26
C ASP A 142 -21.08 -17.06 3.85
N SER A 143 -20.53 -16.22 2.99
CA SER A 143 -19.95 -14.92 3.40
C SER A 143 -20.64 -13.71 2.82
N GLU A 144 -21.89 -13.84 2.40
CA GLU A 144 -22.51 -12.74 1.65
C GLU A 144 -22.56 -11.38 2.35
N ALA A 145 -22.86 -11.39 3.64
CA ALA A 145 -23.07 -10.14 4.36
C ALA A 145 -21.75 -9.43 4.55
N TYR A 146 -20.77 -10.18 5.04
CA TYR A 146 -19.44 -9.61 5.24
C TYR A 146 -18.82 -9.13 3.90
N ALA A 147 -18.92 -9.95 2.86
CA ALA A 147 -18.43 -9.58 1.51
C ALA A 147 -19.05 -8.27 1.01
N SER A 148 -20.35 -8.14 1.21
CA SER A 148 -21.09 -7.00 0.70
C SER A 148 -20.66 -5.74 1.43
N ALA A 149 -20.50 -5.84 2.75
CA ALA A 149 -20.10 -4.65 3.50
C ALA A 149 -18.68 -4.25 3.13
N LYS A 150 -17.80 -5.24 3.01
CA LYS A 150 -16.39 -4.92 2.77
C LYS A 150 -16.14 -4.45 1.35
N GLY A 151 -16.83 -5.04 0.38
CA GLY A 151 -16.74 -4.54 -0.99
C GLY A 151 -17.27 -3.11 -1.06
N GLY A 152 -18.36 -2.85 -0.33
CA GLY A 152 -18.93 -1.52 -0.30
C GLY A 152 -17.94 -0.53 0.32
N ILE A 153 -17.22 -0.94 1.36
CA ILE A 153 -16.32 0.05 2.00
C ILE A 153 -15.08 0.34 1.12
N VAL A 154 -14.64 -0.64 0.37
CA VAL A 154 -13.56 -0.41 -0.60
C VAL A 154 -13.98 0.64 -1.65
N ALA A 155 -15.22 0.54 -2.13
CA ALA A 155 -15.69 1.52 -3.11
C ALA A 155 -15.96 2.88 -2.45
N LEU A 156 -16.55 2.83 -1.27
CA LEU A 156 -16.78 4.07 -0.50
C LEU A 156 -15.49 4.86 -0.31
N THR A 157 -14.39 4.12 -0.12
CA THR A 157 -13.09 4.74 0.04
C THR A 157 -12.72 5.63 -1.15
N HIS A 158 -12.82 5.09 -2.37
CA HIS A 158 -12.49 5.95 -3.50
C HIS A 158 -13.54 7.04 -3.74
N ALA A 159 -14.81 6.78 -3.40
CA ALA A 159 -15.82 7.81 -3.53
C ALA A 159 -15.48 8.98 -2.60
N LEU A 160 -15.24 8.67 -1.34
CA LEU A 160 -14.90 9.74 -0.37
C LEU A 160 -13.61 10.46 -0.79
N ALA A 161 -12.66 9.71 -1.33
CA ALA A 161 -11.41 10.34 -1.71
C ALA A 161 -11.62 11.34 -2.84
N MET A 162 -12.49 11.00 -3.78
CA MET A 162 -12.75 11.88 -4.91
C MET A 162 -13.61 13.08 -4.50
N SER A 163 -14.51 12.87 -3.54
CA SER A 163 -15.31 13.99 -2.99
C SER A 163 -14.48 14.98 -2.17
N LEU A 164 -13.58 14.45 -1.33
CA LEU A 164 -12.99 15.27 -0.29
C LEU A 164 -11.57 15.73 -0.59
N GLY A 165 -10.96 15.16 -1.62
CA GLY A 165 -9.67 15.65 -2.08
C GLY A 165 -9.82 17.08 -2.60
N PRO A 166 -8.79 17.91 -2.47
CA PRO A 166 -7.47 17.62 -1.92
C PRO A 166 -7.36 17.75 -0.40
N ASP A 167 -8.40 18.25 0.26
CA ASP A 167 -8.29 18.55 1.68
C ASP A 167 -8.20 17.32 2.59
N VAL A 168 -8.94 16.28 2.26
CA VAL A 168 -8.95 15.09 3.10
C VAL A 168 -8.49 13.96 2.20
N LEU A 169 -7.52 13.18 2.66
CA LEU A 169 -7.14 11.97 1.93
C LEU A 169 -7.74 10.75 2.61
N VAL A 170 -8.14 9.76 1.82
CA VAL A 170 -8.97 8.68 2.31
C VAL A 170 -8.47 7.39 1.70
N ASN A 171 -8.12 6.45 2.56
CA ASN A 171 -7.57 5.17 2.06
C ASN A 171 -8.10 4.02 2.88
N CYS A 172 -7.87 2.81 2.38
CA CYS A 172 -8.43 1.60 2.96
C CYS A 172 -7.32 0.55 3.12
N ILE A 173 -7.36 -0.20 4.21
CA ILE A 173 -6.45 -1.32 4.37
C ILE A 173 -7.32 -2.57 4.42
N ALA A 174 -6.93 -3.59 3.67
CA ALA A 174 -7.68 -4.86 3.62
C ALA A 174 -6.85 -5.95 4.27
N PRO A 175 -7.08 -6.22 5.56
CA PRO A 175 -6.30 -7.26 6.25
C PRO A 175 -6.73 -8.64 5.82
N GLY A 176 -5.80 -9.59 5.89
CA GLY A 176 -6.14 -10.99 5.71
C GLY A 176 -6.35 -11.56 7.10
N TRP A 177 -5.61 -12.61 7.44
CA TRP A 177 -5.73 -13.27 8.76
C TRP A 177 -4.89 -12.57 9.80
N ILE A 178 -5.54 -11.84 10.71
CA ILE A 178 -4.85 -11.12 11.76
C ILE A 178 -5.26 -11.81 13.06
N ASN A 179 -4.26 -12.20 13.85
CA ASN A 179 -4.58 -12.84 15.15
C ASN A 179 -5.10 -11.80 16.11
N VAL A 180 -6.36 -11.90 16.49
CA VAL A 180 -6.90 -10.94 17.45
C VAL A 180 -7.33 -11.64 18.74
N THR A 181 -6.76 -12.81 18.99
CA THR A 181 -7.13 -13.62 20.15
C THR A 181 -5.91 -14.21 20.87
N GLU A 185 -1.83 -20.35 19.92
CA GLU A 185 -0.97 -21.30 19.23
C GLU A 185 -1.54 -21.72 17.86
N PHE A 186 -0.69 -21.72 16.84
CA PHE A 186 -1.09 -22.15 15.50
C PHE A 186 -0.28 -23.33 15.04
N THR A 187 -0.85 -24.14 14.15
CA THR A 187 -0.12 -25.31 13.64
C THR A 187 0.96 -24.91 12.65
N GLN A 188 1.87 -25.84 12.39
CA GLN A 188 2.93 -25.55 11.45
C GLN A 188 2.31 -25.28 10.08
N GLU A 189 1.22 -25.98 9.76
CA GLU A 189 0.56 -25.82 8.46
C GLU A 189 -0.15 -24.48 8.36
N ASP A 190 -0.78 -24.05 9.44
CA ASP A 190 -1.43 -22.74 9.50
C ASP A 190 -0.49 -21.65 9.03
N CYS A 191 0.75 -21.70 9.54
CA CYS A 191 1.68 -20.62 9.29
C CYS A 191 2.34 -20.79 7.93
N ALA A 192 2.64 -22.05 7.58
CA ALA A 192 3.40 -22.31 6.36
C ALA A 192 2.55 -22.07 5.11
N ALA A 193 1.23 -22.23 5.27
CA ALA A 193 0.30 -22.04 4.13
C ALA A 193 0.25 -20.58 3.68
N ILE A 194 0.58 -19.65 4.57
CA ILE A 194 0.59 -18.25 4.21
C ILE A 194 1.95 -17.93 3.58
N PRO A 195 1.96 -17.29 2.39
CA PRO A 195 3.26 -17.09 1.75
C PRO A 195 4.29 -16.40 2.62
N ALA A 196 3.89 -15.40 3.40
CA ALA A 196 4.81 -14.73 4.31
C ALA A 196 5.22 -15.57 5.55
N GLY A 197 4.54 -16.70 5.77
CA GLY A 197 5.02 -17.67 6.75
C GLY A 197 4.63 -17.40 8.19
N LYS A 198 3.67 -16.50 8.39
CA LYS A 198 3.24 -16.15 9.75
C LYS A 198 1.80 -15.71 9.66
N VAL A 199 1.15 -15.66 10.81
CA VAL A 199 -0.16 -15.05 10.92
C VAL A 199 0.07 -13.56 11.22
N GLY A 200 -0.82 -12.72 10.70
CA GLY A 200 -0.73 -11.29 10.92
C GLY A 200 -1.05 -10.89 12.35
N THR A 201 -0.59 -9.70 12.73
CA THR A 201 -0.82 -9.17 14.07
C THR A 201 -1.47 -7.80 13.91
N PRO A 202 -2.18 -7.35 14.95
CA PRO A 202 -2.75 -6.00 14.86
C PRO A 202 -1.71 -4.91 14.57
N LYS A 203 -0.48 -5.08 15.02
CA LYS A 203 0.55 -4.12 14.71
C LYS A 203 0.85 -4.02 13.21
N ASP A 204 0.71 -5.09 12.45
CA ASP A 204 0.89 -5.00 10.99
C ASP A 204 -0.13 -4.03 10.38
N ILE A 205 -1.33 -4.02 10.94
CA ILE A 205 -2.35 -3.11 10.46
C ILE A 205 -2.14 -1.70 11.00
N SER A 206 -1.93 -1.57 12.32
CA SER A 206 -1.77 -0.23 12.89
C SER A 206 -0.54 0.50 12.31
N ASN A 207 0.54 -0.22 12.04
CA ASN A 207 1.71 0.42 11.42
C ASN A 207 1.30 1.05 10.10
N MET A 208 0.47 0.34 9.33
CA MET A 208 0.01 0.84 8.03
C MET A 208 -0.95 2.02 8.19
N VAL A 209 -1.83 1.97 9.19
CA VAL A 209 -2.69 3.10 9.44
C VAL A 209 -1.89 4.39 9.68
N LEU A 210 -0.88 4.31 10.57
CA LEU A 210 -0.15 5.50 10.97
C LEU A 210 0.68 6.00 9.80
N PHE A 211 1.24 5.04 9.05
CA PHE A 211 2.03 5.42 7.88
C PHE A 211 1.14 6.14 6.86
N LEU A 212 -0.04 5.59 6.58
CA LEU A 212 -0.87 6.19 5.54
C LEU A 212 -1.32 7.59 5.94
N CYS A 213 -1.53 7.83 7.24
CA CYS A 213 -1.97 9.15 7.69
C CYS A 213 -0.91 10.23 7.43
N GLN A 214 0.35 9.81 7.30
CA GLN A 214 1.48 10.75 7.09
C GLN A 214 1.83 10.95 5.63
N GLN A 215 1.20 10.20 4.74
CA GLN A 215 1.54 10.32 3.33
C GLN A 215 0.68 11.47 2.82
N ASP A 216 1.09 12.12 1.74
CA ASP A 216 0.19 13.09 1.12
C ASP A 216 -0.05 12.89 -0.37
N PHE A 217 0.40 11.77 -0.95
CA PHE A 217 0.16 11.53 -2.36
C PHE A 217 -0.50 10.18 -2.57
N ILE A 218 -1.12 9.63 -1.53
CA ILE A 218 -1.89 8.38 -1.68
C ILE A 218 -3.30 8.70 -1.24
N THR A 219 -4.23 8.55 -2.17
CA THR A 219 -5.66 8.66 -1.80
C THR A 219 -6.49 7.76 -2.68
N GLY A 220 -7.58 7.22 -2.11
CA GLY A 220 -8.50 6.40 -2.87
C GLY A 220 -8.10 4.94 -2.92
N GLU A 221 -6.95 4.61 -2.34
CA GLU A 221 -6.31 3.30 -2.50
CA GLU A 221 -6.39 3.27 -2.54
C GLU A 221 -6.74 2.28 -1.43
N THR A 222 -6.77 1.00 -1.79
CA THR A 222 -6.89 -0.09 -0.81
C THR A 222 -5.62 -0.94 -0.85
N ILE A 223 -4.96 -1.06 0.30
CA ILE A 223 -3.74 -1.85 0.41
C ILE A 223 -4.02 -3.17 1.10
N ILE A 224 -3.60 -4.26 0.46
CA ILE A 224 -3.83 -5.61 1.00
C ILE A 224 -2.71 -5.98 1.95
N VAL A 225 -3.08 -6.37 3.17
CA VAL A 225 -2.10 -6.76 4.18
C VAL A 225 -2.48 -8.16 4.69
N ASP A 226 -2.05 -9.20 3.93
CA ASP A 226 -2.51 -10.57 4.14
C ASP A 226 -1.42 -11.62 3.96
N GLY A 227 -0.17 -11.18 4.06
CA GLY A 227 0.96 -12.10 3.98
C GLY A 227 1.03 -12.76 2.64
N GLY A 228 0.39 -12.15 1.64
CA GLY A 228 0.45 -12.72 0.29
C GLY A 228 -0.60 -13.78 -0.04
N MET A 229 -1.51 -14.06 0.88
CA MET A 229 -2.45 -15.17 0.65
C MET A 229 -3.29 -15.00 -0.62
N SER A 230 -3.79 -13.79 -0.85
CA SER A 230 -4.68 -13.60 -2.00
C SER A 230 -3.95 -13.76 -3.34
N LYS A 231 -2.63 -13.59 -3.30
CA LYS A 231 -1.86 -13.69 -4.53
C LYS A 231 -1.39 -15.12 -4.81
N ARG A 232 -1.67 -16.04 -3.88
CA ARG A 232 -1.27 -17.41 -4.11
C ARG A 232 -2.29 -18.14 -4.97
N MET A 233 -1.88 -18.56 -6.16
CA MET A 233 -2.75 -19.40 -6.98
C MET A 233 -2.74 -20.82 -6.43
N ILE A 234 -3.93 -21.38 -6.22
CA ILE A 234 -4.09 -22.67 -5.59
C ILE A 234 -4.99 -23.57 -6.44
N TYR A 235 -4.42 -24.70 -6.86
CA TYR A 235 -5.18 -25.76 -7.51
C TYR A 235 -4.95 -27.06 -6.78
N HIS A 236 -6.01 -27.84 -6.65
CA HIS A 236 -5.96 -29.09 -5.93
C HIS A 236 -4.85 -30.00 -6.47
N GLY A 237 -4.00 -30.50 -5.57
CA GLY A 237 -2.98 -31.47 -5.93
C GLY A 237 -1.64 -30.87 -6.34
N ASP A 238 -1.57 -29.56 -6.43
CA ASP A 238 -0.39 -28.90 -6.94
C ASP A 238 0.22 -28.02 -5.86
N TRP A 239 1.55 -27.96 -5.83
CA TRP A 239 2.24 -27.09 -4.88
C TRP A 239 1.64 -27.14 -3.45
N ASN A 240 1.47 -28.35 -2.96
CA ASN A 240 1.23 -28.62 -1.53
C ASN A 240 -0.17 -28.35 -1.04
N TRP A 241 -1.09 -28.05 -1.96
CA TRP A 241 -2.48 -27.81 -1.58
C TRP A 241 -3.42 -28.93 -2.03
N PHE A 242 -4.41 -29.24 -1.20
CA PHE A 242 -5.30 -30.34 -1.50
C PHE A 242 -6.72 -30.04 -1.05
N TYR A 243 -7.69 -30.46 -1.86
CA TYR A 243 -9.11 -30.26 -1.56
C TYR A 243 -9.67 -31.60 -1.11
N LYS A 244 -10.50 -31.58 -0.06
CA LYS A 244 -11.12 -32.83 0.40
C LYS A 244 -12.64 -32.77 0.28
N ILE A 245 -13.23 -33.77 -0.38
CA ILE A 245 -14.68 -33.87 -0.41
C ILE A 245 -15.12 -34.58 0.87
N ASP A 246 -16.15 -34.05 1.54
CA ASP A 246 -16.61 -34.65 2.79
C ASP A 246 -17.46 -35.90 2.59
N MET B 1 28.27 -2.84 9.68
CA MET B 1 27.34 -2.24 8.73
C MET B 1 25.89 -2.65 9.03
N ASN B 2 24.95 -2.00 8.35
CA ASN B 2 23.54 -2.38 8.46
C ASN B 2 23.12 -3.20 7.23
N ARG B 3 22.24 -2.70 6.38
CA ARG B 3 21.85 -3.48 5.20
C ARG B 3 22.73 -3.17 4.00
N GLY B 4 22.89 -4.15 3.12
CA GLY B 4 23.46 -3.91 1.78
C GLY B 4 22.31 -3.76 0.81
N VAL B 5 22.26 -2.63 0.10
CA VAL B 5 21.12 -2.33 -0.78
C VAL B 5 21.61 -2.10 -2.20
N ILE B 6 20.96 -2.77 -3.16
CA ILE B 6 21.24 -2.49 -4.56
C ILE B 6 20.05 -1.86 -5.24
N VAL B 7 20.32 -0.84 -6.05
CA VAL B 7 19.26 -0.04 -6.68
C VAL B 7 19.63 0.15 -8.14
N THR B 8 18.66 -0.04 -9.05
CA THR B 8 18.88 0.26 -10.46
C THR B 8 18.30 1.63 -10.77
N GLY B 9 18.87 2.32 -11.75
CA GLY B 9 18.45 3.68 -12.04
C GLY B 9 18.71 4.66 -10.89
N GLY B 10 19.79 4.45 -10.17
CA GLY B 10 20.04 5.18 -8.94
C GLY B 10 20.61 6.57 -9.08
N GLY B 11 20.95 6.99 -10.29
CA GLY B 11 21.66 8.25 -10.47
C GLY B 11 20.78 9.46 -10.63
N HIS B 12 19.46 9.26 -10.68
CA HIS B 12 18.57 10.38 -10.94
C HIS B 12 17.19 10.08 -10.37
N GLY B 13 16.37 11.11 -10.25
CA GLY B 13 14.95 10.93 -9.93
C GLY B 13 14.62 10.06 -8.73
N ILE B 14 13.66 9.15 -8.94
CA ILE B 14 13.21 8.28 -7.87
C ILE B 14 14.36 7.43 -7.36
N GLY B 15 15.16 6.88 -8.25
CA GLY B 15 16.22 6.00 -7.78
C GLY B 15 17.21 6.74 -6.91
N LYS B 16 17.53 7.97 -7.29
CA LYS B 16 18.44 8.79 -6.50
C LYS B 16 17.93 9.01 -5.07
N GLN B 17 16.65 9.34 -4.96
CA GLN B 17 16.08 9.58 -3.65
C GLN B 17 16.01 8.30 -2.79
N ILE B 18 15.71 7.17 -3.41
CA ILE B 18 15.72 5.92 -2.71
C ILE B 18 17.14 5.65 -2.18
N CYS B 19 18.15 5.89 -2.99
CA CYS B 19 19.54 5.72 -2.52
C CYS B 19 19.80 6.58 -1.30
N LEU B 20 19.47 7.86 -1.40
CA LEU B 20 19.68 8.76 -0.27
C LEU B 20 18.97 8.33 0.99
N ASP B 21 17.73 7.89 0.84
CA ASP B 21 16.97 7.43 1.99
C ASP B 21 17.59 6.21 2.68
N PHE B 22 18.08 5.24 1.91
CA PHE B 22 18.78 4.11 2.51
C PHE B 22 20.09 4.52 3.18
N LEU B 23 20.80 5.48 2.57
CA LEU B 23 22.01 5.99 3.22
C LEU B 23 21.69 6.61 4.58
N GLU B 24 20.63 7.42 4.62
CA GLU B 24 20.26 8.09 5.85
C GLU B 24 19.83 7.06 6.90
N ALA B 25 19.30 5.94 6.43
CA ALA B 25 18.86 4.88 7.34
C ALA B 25 20.03 4.08 7.89
N GLY B 26 21.23 4.35 7.40
CA GLY B 26 22.43 3.70 7.91
C GLY B 26 22.97 2.57 7.04
N ASP B 27 22.41 2.41 5.85
CA ASP B 27 22.78 1.28 4.99
C ASP B 27 23.90 1.62 4.01
N LYS B 28 24.44 0.58 3.37
CA LYS B 28 25.40 0.78 2.29
C LYS B 28 24.68 0.48 1.00
N VAL B 29 24.92 1.28 -0.04
CA VAL B 29 24.11 1.24 -1.26
C VAL B 29 25.03 1.19 -2.47
N CYS B 30 24.73 0.28 -3.36
CA CYS B 30 25.40 0.21 -4.66
C CYS B 30 24.33 0.39 -5.72
N PHE B 31 24.55 1.29 -6.67
CA PHE B 31 23.56 1.49 -7.73
C PHE B 31 24.19 1.40 -9.10
N ILE B 32 23.38 1.01 -10.08
CA ILE B 32 23.79 1.03 -11.47
C ILE B 32 22.98 2.11 -12.17
N ASP B 33 23.60 2.71 -13.17
CA ASP B 33 22.93 3.80 -13.89
C ASP B 33 23.68 4.00 -15.18
N ILE B 34 22.95 4.42 -16.21
CA ILE B 34 23.53 4.56 -17.53
C ILE B 34 24.35 5.83 -17.70
N ASP B 35 24.19 6.81 -16.82
CA ASP B 35 24.90 8.09 -17.02
C ASP B 35 26.06 8.27 -16.07
N GLU B 36 27.26 8.11 -16.60
CA GLU B 36 28.44 8.05 -15.76
C GLU B 36 28.68 9.33 -14.97
N LYS B 37 28.55 10.48 -15.64
CA LYS B 37 28.90 11.75 -14.99
C LYS B 37 28.03 12.03 -13.77
N ARG B 38 26.71 11.96 -13.96
CA ARG B 38 25.80 12.33 -12.88
C ARG B 38 25.92 11.34 -11.74
N SER B 39 26.13 10.07 -12.06
CA SER B 39 26.21 9.03 -11.04
C SER B 39 27.52 9.06 -10.27
N ALA B 40 28.62 9.32 -10.96
CA ALA B 40 29.88 9.45 -10.28
C ALA B 40 29.83 10.65 -9.34
N ASP B 41 29.25 11.76 -9.82
CA ASP B 41 29.07 12.93 -8.94
C ASP B 41 28.23 12.58 -7.71
N PHE B 42 27.13 11.87 -7.90
CA PHE B 42 26.24 11.51 -6.80
C PHE B 42 26.99 10.69 -5.72
N ALA B 43 27.85 9.79 -6.16
CA ALA B 43 28.58 8.93 -5.23
C ALA B 43 29.81 9.59 -4.60
N LYS B 44 30.27 10.68 -5.18
CA LYS B 44 31.51 11.31 -4.74
C LYS B 44 31.43 11.76 -3.27
N GLU B 45 32.46 11.45 -2.49
CA GLU B 45 32.53 11.87 -1.10
C GLU B 45 31.34 11.38 -0.27
N ARG B 46 30.77 10.25 -0.68
CA ARG B 46 29.76 9.53 0.11
C ARG B 46 30.21 8.08 0.25
N PRO B 47 30.98 7.75 1.29
CA PRO B 47 31.73 6.48 1.34
C PRO B 47 30.89 5.21 1.30
N ASN B 48 29.62 5.32 1.72
CA ASN B 48 28.73 4.19 1.76
C ASN B 48 27.87 4.09 0.49
N LEU B 49 28.19 4.90 -0.51
CA LEU B 49 27.43 4.92 -1.75
C LEU B 49 28.35 4.58 -2.91
N PHE B 50 28.11 3.48 -3.57
CA PHE B 50 28.97 2.99 -4.66
C PHE B 50 28.25 2.99 -5.98
N TYR B 51 28.90 3.53 -7.02
CA TYR B 51 28.28 3.57 -8.34
C TYR B 51 28.92 2.56 -9.29
N PHE B 52 28.07 1.95 -10.10
CA PHE B 52 28.49 1.06 -11.19
C PHE B 52 27.88 1.54 -12.48
N HIS B 53 28.73 1.91 -13.45
CA HIS B 53 28.24 2.41 -14.71
C HIS B 53 27.90 1.24 -15.62
N GLY B 54 26.68 1.21 -16.16
CA GLY B 54 26.33 0.15 -17.09
C GLY B 54 24.88 0.19 -17.52
N ASP B 55 24.57 -0.61 -18.55
CA ASP B 55 23.21 -0.71 -19.05
C ASP B 55 22.57 -2.00 -18.57
N VAL B 56 21.46 -1.90 -17.83
CA VAL B 56 20.80 -3.06 -17.28
C VAL B 56 20.19 -3.94 -18.37
N ALA B 57 20.10 -3.39 -19.57
CA ALA B 57 19.61 -4.13 -20.73
C ALA B 57 20.51 -5.31 -21.09
N ASP B 58 21.77 -5.24 -20.65
CA ASP B 58 22.76 -6.26 -20.96
C ASP B 58 22.93 -7.26 -19.82
N PRO B 59 22.60 -8.53 -20.07
CA PRO B 59 22.68 -9.55 -19.04
C PRO B 59 24.10 -9.74 -18.48
N LEU B 60 25.12 -9.62 -19.33
CA LEU B 60 26.47 -9.73 -18.82
C LEU B 60 26.76 -8.60 -17.86
N THR B 61 26.21 -7.42 -18.15
CA THR B 61 26.41 -6.27 -17.27
C THR B 61 25.74 -6.48 -15.91
N LEU B 62 24.59 -7.12 -15.94
CA LEU B 62 23.89 -7.39 -14.69
C LEU B 62 24.69 -8.30 -13.77
N LYS B 63 25.30 -9.35 -14.34
CA LYS B 63 26.14 -10.24 -13.54
C LYS B 63 27.36 -9.50 -12.97
N LYS B 64 28.02 -8.70 -13.79
CA LYS B 64 29.15 -7.89 -13.31
C LYS B 64 28.75 -6.89 -12.23
N PHE B 65 27.54 -6.33 -12.35
CA PHE B 65 27.08 -5.39 -11.34
C PHE B 65 26.87 -6.07 -9.99
N VAL B 66 26.25 -7.25 -9.99
CA VAL B 66 26.02 -7.93 -8.74
C VAL B 66 27.35 -8.35 -8.11
N GLU B 67 28.29 -8.77 -8.95
CA GLU B 67 29.61 -9.12 -8.45
C GLU B 67 30.29 -7.90 -7.82
N TYR B 68 30.14 -6.74 -8.45
CA TYR B 68 30.73 -5.51 -7.93
C TYR B 68 30.07 -5.16 -6.61
N ALA B 69 28.75 -5.23 -6.60
CA ALA B 69 28.02 -4.95 -5.37
C ALA B 69 28.42 -5.84 -4.20
N MET B 70 28.59 -7.14 -4.45
CA MET B 70 29.01 -8.03 -3.38
C MET B 70 30.41 -7.65 -2.89
N GLU B 71 31.27 -7.19 -3.80
CA GLU B 71 32.60 -6.79 -3.38
C GLU B 71 32.55 -5.57 -2.48
N LYS B 72 31.68 -4.62 -2.81
CA LYS B 72 31.61 -3.36 -2.07
C LYS B 72 30.74 -3.46 -0.83
N LEU B 73 29.62 -4.18 -0.95
CA LEU B 73 28.69 -4.30 0.18
C LEU B 73 28.94 -5.51 1.06
N GLN B 74 29.49 -6.57 0.48
CA GLN B 74 29.70 -7.86 1.16
C GLN B 74 28.43 -8.63 1.54
N ARG B 75 27.26 -8.00 1.39
CA ARG B 75 25.98 -8.67 1.60
C ARG B 75 24.91 -7.92 0.81
N ILE B 76 23.86 -8.62 0.41
CA ILE B 76 22.73 -7.98 -0.25
C ILE B 76 21.47 -8.32 0.52
N ASP B 77 20.82 -7.27 1.03
CA ASP B 77 19.61 -7.40 1.83
C ASP B 77 18.37 -6.91 1.10
N VAL B 78 18.55 -5.94 0.20
CA VAL B 78 17.42 -5.31 -0.49
C VAL B 78 17.82 -5.08 -1.94
N LEU B 79 16.92 -5.43 -2.85
CA LEU B 79 17.09 -5.15 -4.27
C LEU B 79 15.93 -4.25 -4.68
N VAL B 80 16.25 -3.10 -5.28
CA VAL B 80 15.21 -2.17 -5.75
C VAL B 80 15.34 -2.06 -7.25
N ASN B 81 14.34 -2.56 -7.96
CA ASN B 81 14.30 -2.52 -9.42
C ASN B 81 13.53 -1.31 -9.90
N ASN B 82 14.27 -0.38 -10.49
CA ASN B 82 13.71 0.89 -10.91
C ASN B 82 14.21 1.19 -12.34
N ALA B 83 13.33 1.39 -13.31
CA ALA B 83 13.77 1.72 -14.69
C ALA B 83 12.81 2.72 -15.33
N CYS B 84 13.28 3.95 -15.52
CA CYS B 84 12.41 5.06 -15.90
C CYS B 84 12.13 5.23 -17.39
N ARG B 85 12.96 4.63 -18.25
CA ARG B 85 12.91 4.89 -19.70
C ARG B 85 11.51 4.82 -20.32
N GLY B 86 11.01 5.95 -20.81
CA GLY B 86 9.76 5.95 -21.53
C GLY B 86 9.98 5.54 -22.97
N SER B 87 8.91 5.29 -23.69
CA SER B 87 9.04 4.90 -25.08
C SER B 87 7.78 5.23 -25.83
N LYS B 88 7.78 4.96 -27.13
CA LYS B 88 6.58 5.16 -27.93
C LYS B 88 5.90 3.80 -28.10
N GLY B 89 5.06 3.66 -29.11
CA GLY B 89 4.39 2.40 -29.27
C GLY B 89 3.79 2.26 -30.65
N ILE B 90 2.61 1.67 -30.70
CA ILE B 90 2.07 1.25 -31.99
C ILE B 90 1.73 2.38 -32.97
N LEU B 91 1.36 3.56 -32.46
CA LEU B 91 0.97 4.63 -33.36
C LEU B 91 2.21 5.20 -34.02
N SER B 92 3.33 5.09 -33.31
CA SER B 92 4.64 5.47 -33.83
C SER B 92 5.29 4.31 -34.61
N SER B 93 4.60 3.18 -34.68
CA SER B 93 5.14 1.94 -35.27
C SER B 93 6.50 1.59 -34.67
N LEU B 94 6.56 1.65 -33.35
CA LEU B 94 7.80 1.35 -32.64
C LEU B 94 8.29 -0.04 -33.05
N LEU B 95 9.50 -0.13 -33.58
CA LEU B 95 9.95 -1.42 -34.07
C LEU B 95 10.18 -2.49 -32.99
N TYR B 96 10.18 -3.75 -33.44
CA TYR B 96 10.34 -4.89 -32.58
C TYR B 96 11.53 -4.77 -31.63
N GLU B 97 12.69 -4.38 -32.17
CA GLU B 97 13.91 -4.34 -31.39
C GLU B 97 13.86 -3.28 -30.29
N GLU B 98 13.13 -2.18 -30.55
CA GLU B 98 13.02 -1.08 -29.60
C GLU B 98 12.02 -1.45 -28.51
N PHE B 99 10.94 -2.14 -28.91
CA PHE B 99 10.00 -2.69 -27.94
C PHE B 99 10.74 -3.66 -27.02
N ASP B 100 11.54 -4.54 -27.61
CA ASP B 100 12.32 -5.50 -26.86
C ASP B 100 13.26 -4.80 -25.87
N TYR B 101 13.87 -3.68 -26.29
CA TYR B 101 14.82 -2.98 -25.43
C TYR B 101 14.11 -2.46 -24.15
N ILE B 102 12.92 -1.91 -24.31
CA ILE B 102 12.12 -1.50 -23.16
C ILE B 102 11.81 -2.70 -22.24
N LEU B 103 11.51 -3.85 -22.83
CA LEU B 103 11.31 -5.04 -22.01
C LEU B 103 12.62 -5.45 -21.30
N SER B 104 13.75 -5.31 -22.00
CA SER B 104 15.02 -5.65 -21.38
C SER B 104 15.32 -4.85 -20.11
N VAL B 105 15.06 -3.54 -20.16
CA VAL B 105 15.38 -2.67 -19.04
C VAL B 105 14.30 -2.78 -17.97
N GLY B 106 13.04 -2.96 -18.39
CA GLY B 106 11.91 -2.87 -17.46
C GLY B 106 11.38 -4.17 -16.87
N LEU B 107 11.76 -5.31 -17.46
CA LEU B 107 11.14 -6.59 -17.14
C LEU B 107 12.21 -7.68 -17.05
N LYS B 108 13.07 -7.79 -18.06
CA LYS B 108 14.14 -8.80 -17.98
C LYS B 108 15.15 -8.50 -16.87
N ALA B 109 15.53 -7.24 -16.73
CA ALA B 109 16.51 -6.88 -15.69
C ALA B 109 16.04 -7.16 -14.29
N PRO B 110 14.80 -6.82 -13.95
CA PRO B 110 14.34 -7.17 -12.61
C PRO B 110 14.33 -8.68 -12.33
N TYR B 111 13.93 -9.49 -13.31
CA TYR B 111 13.97 -10.91 -13.16
C TYR B 111 15.42 -11.39 -12.94
N GLU B 112 16.30 -10.98 -13.85
CA GLU B 112 17.66 -11.49 -13.81
C GLU B 112 18.39 -11.05 -12.54
N LEU B 113 18.17 -9.82 -12.09
CA LEU B 113 18.81 -9.38 -10.85
C LEU B 113 18.26 -10.17 -9.66
N SER B 114 16.95 -10.44 -9.69
CA SER B 114 16.37 -11.28 -8.64
C SER B 114 17.00 -12.66 -8.67
N ARG B 115 17.23 -13.20 -9.88
CA ARG B 115 17.80 -14.54 -10.00
C ARG B 115 19.26 -14.55 -9.50
N LEU B 116 20.04 -13.56 -9.94
CA LEU B 116 21.44 -13.44 -9.51
C LEU B 116 21.57 -13.30 -7.99
N CYS B 117 20.61 -12.60 -7.37
CA CYS B 117 20.64 -12.31 -5.94
C CYS B 117 19.85 -13.30 -5.09
N ARG B 118 19.31 -14.34 -5.72
CA ARG B 118 18.33 -15.22 -5.08
C ARG B 118 18.87 -15.79 -3.78
N ASP B 119 20.01 -16.47 -3.84
CA ASP B 119 20.48 -17.20 -2.66
C ASP B 119 20.87 -16.23 -1.56
N GLU B 120 21.48 -15.11 -1.94
CA GLU B 120 21.90 -14.11 -0.98
C GLU B 120 20.68 -13.50 -0.30
N LEU B 121 19.64 -13.15 -1.08
CA LEU B 121 18.45 -12.59 -0.46
C LEU B 121 17.74 -13.58 0.46
N ILE B 122 17.71 -14.85 0.05
CA ILE B 122 17.09 -15.88 0.88
C ILE B 122 17.85 -16.03 2.21
N LYS B 123 19.18 -16.08 2.11
CA LYS B 123 20.03 -16.21 3.30
C LYS B 123 19.80 -15.06 4.29
N ASN B 124 19.66 -13.85 3.74
CA ASN B 124 19.58 -12.68 4.56
C ASN B 124 18.15 -12.32 4.89
N LYS B 125 17.20 -13.15 4.45
CA LYS B 125 15.78 -12.87 4.66
C LYS B 125 15.41 -11.46 4.19
N GLY B 126 15.83 -11.18 2.96
CA GLY B 126 15.77 -9.84 2.40
C GLY B 126 14.44 -9.45 1.75
N ARG B 127 14.54 -8.43 0.90
CA ARG B 127 13.36 -7.77 0.32
C ARG B 127 13.67 -7.41 -1.12
N ILE B 128 12.67 -7.52 -1.98
CA ILE B 128 12.79 -6.98 -3.35
C ILE B 128 11.66 -5.99 -3.51
N ILE B 129 11.97 -4.80 -4.00
CA ILE B 129 10.91 -3.81 -4.27
C ILE B 129 11.01 -3.44 -5.74
N ASN B 130 9.91 -3.61 -6.45
CA ASN B 130 9.87 -3.27 -7.87
C ASN B 130 9.13 -1.97 -8.07
N ILE B 131 9.67 -1.09 -8.90
CA ILE B 131 8.96 0.16 -9.20
C ILE B 131 8.26 0.03 -10.56
N ALA B 132 6.94 0.09 -10.56
CA ALA B 132 6.20 -0.02 -11.84
C ALA B 132 5.68 1.36 -12.23
N SER B 133 4.38 1.47 -12.46
CA SER B 133 3.74 2.70 -12.90
C SER B 133 2.25 2.44 -12.95
N THR B 134 1.46 3.50 -12.77
CA THR B 134 0.01 3.36 -12.98
C THR B 134 -0.33 3.06 -14.45
N ARG B 135 0.66 3.24 -15.31
CA ARG B 135 0.52 2.84 -16.71
C ARG B 135 0.43 1.33 -16.93
N ALA B 136 0.61 0.54 -15.86
CA ALA B 136 0.34 -0.89 -15.91
C ALA B 136 -1.14 -1.16 -15.98
N PHE B 137 -1.94 -0.19 -15.52
CA PHE B 137 -3.36 -0.46 -15.30
C PHE B 137 -4.32 0.34 -16.18
N GLN B 138 -3.87 1.48 -16.65
CA GLN B 138 -4.62 2.31 -17.61
C GLN B 138 -3.64 2.86 -18.62
N SER B 139 -4.11 3.25 -19.80
CA SER B 139 -3.19 3.69 -20.85
C SER B 139 -3.61 4.98 -21.50
N GLU B 140 -2.59 5.76 -21.88
CA GLU B 140 -2.77 6.79 -22.92
C GLU B 140 -2.37 6.13 -24.24
N PRO B 141 -2.79 6.71 -25.36
CA PRO B 141 -2.36 6.15 -26.66
C PRO B 141 -0.84 6.08 -26.84
N ASP B 142 -0.39 5.15 -27.67
CA ASP B 142 1.04 5.03 -28.06
C ASP B 142 1.96 4.66 -26.89
N SER B 143 1.45 3.81 -26.00
CA SER B 143 2.20 3.43 -24.80
C SER B 143 2.51 1.94 -24.74
N GLU B 144 2.46 1.24 -25.86
CA GLU B 144 2.50 -0.23 -25.77
C GLU B 144 3.74 -0.80 -25.06
N ALA B 145 4.91 -0.23 -25.31
CA ALA B 145 6.14 -0.82 -24.79
C ALA B 145 6.19 -0.63 -23.27
N TYR B 146 5.94 0.59 -22.84
CA TYR B 146 5.98 0.89 -21.43
C TYR B 146 4.90 0.09 -20.68
N ALA B 147 3.70 0.05 -21.24
CA ALA B 147 2.61 -0.73 -20.63
C ALA B 147 2.95 -2.21 -20.47
N SER B 148 3.57 -2.79 -21.49
CA SER B 148 3.90 -4.18 -21.47
C SER B 148 4.95 -4.49 -20.38
N ALA B 149 5.98 -3.64 -20.28
CA ALA B 149 7.04 -3.83 -19.28
C ALA B 149 6.45 -3.67 -17.88
N LYS B 150 5.59 -2.66 -17.70
CA LYS B 150 5.09 -2.35 -16.37
C LYS B 150 4.03 -3.37 -15.93
N GLY B 151 3.15 -3.77 -16.85
CA GLY B 151 2.23 -4.88 -16.54
C GLY B 151 3.02 -6.14 -16.18
N GLY B 152 4.09 -6.41 -16.93
CA GLY B 152 4.93 -7.57 -16.66
C GLY B 152 5.53 -7.49 -15.27
N ILE B 153 6.01 -6.31 -14.88
CA ILE B 153 6.73 -6.24 -13.58
C ILE B 153 5.73 -6.37 -12.43
N VAL B 154 4.51 -5.87 -12.60
CA VAL B 154 3.48 -6.07 -11.55
C VAL B 154 3.22 -7.58 -11.34
N ALA B 155 3.12 -8.34 -12.43
CA ALA B 155 2.89 -9.79 -12.32
C ALA B 155 4.14 -10.50 -11.80
N LEU B 156 5.30 -10.11 -12.32
CA LEU B 156 6.56 -10.64 -11.79
C LEU B 156 6.66 -10.51 -10.27
N THR B 157 6.13 -9.42 -9.75
CA THR B 157 6.14 -9.17 -8.30
C THR B 157 5.44 -10.28 -7.53
N HIS B 158 4.23 -10.64 -7.94
CA HIS B 158 3.57 -11.71 -7.20
C HIS B 158 4.18 -13.07 -7.52
N ALA B 159 4.76 -13.24 -8.70
CA ALA B 159 5.42 -14.49 -8.96
C ALA B 159 6.61 -14.68 -8.03
N LEU B 160 7.46 -13.67 -7.95
CA LEU B 160 8.65 -13.74 -7.08
C LEU B 160 8.22 -13.91 -5.64
N ALA B 161 7.15 -13.23 -5.25
CA ALA B 161 6.70 -13.31 -3.86
C ALA B 161 6.29 -14.73 -3.53
N MET B 162 5.60 -15.37 -4.45
CA MET B 162 5.17 -16.75 -4.23
C MET B 162 6.32 -17.76 -4.28
N SER B 163 7.32 -17.50 -5.12
CA SER B 163 8.51 -18.34 -5.16
C SER B 163 9.39 -18.20 -3.93
N LEU B 164 9.60 -16.97 -3.47
CA LEU B 164 10.64 -16.68 -2.48
C LEU B 164 10.13 -16.56 -1.05
N GLY B 165 8.82 -16.51 -0.87
CA GLY B 165 8.25 -16.49 0.47
C GLY B 165 8.50 -17.84 1.12
N PRO B 166 8.69 -17.87 2.46
CA PRO B 166 8.59 -16.76 3.38
C PRO B 166 9.89 -15.99 3.60
N ASP B 167 10.99 -16.42 3.00
CA ASP B 167 12.26 -15.83 3.32
C ASP B 167 12.48 -14.43 2.73
N VAL B 168 12.00 -14.22 1.51
CA VAL B 168 12.10 -12.89 0.89
C VAL B 168 10.70 -12.39 0.61
N LEU B 169 10.42 -11.15 1.01
CA LEU B 169 9.14 -10.56 0.68
C LEU B 169 9.34 -9.60 -0.50
N VAL B 170 8.35 -9.53 -1.37
CA VAL B 170 8.56 -8.84 -2.66
C VAL B 170 7.32 -8.04 -2.97
N ASN B 171 7.49 -6.73 -3.16
CA ASN B 171 6.34 -5.88 -3.39
C ASN B 171 6.68 -4.87 -4.47
N CYS B 172 5.64 -4.21 -4.96
CA CYS B 172 5.77 -3.27 -6.09
C CYS B 172 5.08 -1.96 -5.74
N ILE B 173 5.66 -0.84 -6.18
CA ILE B 173 4.99 0.44 -6.01
C ILE B 173 4.73 0.96 -7.40
N ALA B 174 3.52 1.46 -7.62
CA ALA B 174 3.14 1.95 -8.96
C ALA B 174 2.95 3.47 -8.89
N PRO B 175 4.00 4.23 -9.21
CA PRO B 175 3.83 5.69 -9.13
C PRO B 175 2.98 6.24 -10.27
N GLY B 176 2.35 7.37 -9.99
CA GLY B 176 1.68 8.16 -11.02
C GLY B 176 2.66 9.22 -11.48
N TRP B 177 2.22 10.47 -11.44
CA TRP B 177 3.03 11.62 -11.85
C TRP B 177 3.96 12.04 -10.74
N ILE B 178 5.25 11.68 -10.90
CA ILE B 178 6.26 12.12 -9.96
C ILE B 178 7.18 13.13 -10.66
N ASN B 179 7.36 14.28 -10.01
CA ASN B 179 8.22 15.34 -10.56
C ASN B 179 9.68 14.93 -10.40
N VAL B 180 10.35 14.59 -11.50
CA VAL B 180 11.75 14.20 -11.41
C VAL B 180 12.65 15.17 -12.17
N THR B 181 12.17 16.38 -12.37
CA THR B 181 12.97 17.40 -13.08
C THR B 181 12.67 18.82 -12.57
N GLU B 185 7.93 24.30 -12.19
CA GLU B 185 6.70 25.09 -12.22
C GLU B 185 5.55 24.36 -12.92
N PHE B 186 4.42 24.22 -12.23
CA PHE B 186 3.25 23.56 -12.80
C PHE B 186 2.08 24.51 -12.78
N THR B 187 1.16 24.37 -13.73
CA THR B 187 0.00 25.26 -13.77
C THR B 187 -1.00 24.95 -12.64
N GLN B 188 -1.93 25.88 -12.42
CA GLN B 188 -2.95 25.66 -11.41
C GLN B 188 -3.77 24.43 -11.77
N GLU B 189 -4.06 24.27 -13.06
CA GLU B 189 -4.83 23.11 -13.54
C GLU B 189 -4.04 21.82 -13.37
N ASP B 190 -2.73 21.87 -13.58
CA ASP B 190 -1.88 20.68 -13.42
C ASP B 190 -2.07 20.04 -12.05
N CYS B 191 -2.10 20.88 -11.02
CA CYS B 191 -2.11 20.36 -9.67
C CYS B 191 -3.54 20.04 -9.24
N ALA B 192 -4.49 20.87 -9.68
CA ALA B 192 -5.87 20.75 -9.24
C ALA B 192 -6.52 19.51 -9.85
N ALA B 193 -6.05 19.14 -11.04
CA ALA B 193 -6.60 17.95 -11.75
C ALA B 193 -6.32 16.66 -11.00
N ILE B 194 -5.26 16.63 -10.22
CA ILE B 194 -4.94 15.46 -9.39
C ILE B 194 -5.77 15.52 -8.10
N PRO B 195 -6.48 14.43 -7.73
CA PRO B 195 -7.35 14.54 -6.56
C PRO B 195 -6.62 14.99 -5.29
N ALA B 196 -5.39 14.53 -5.07
CA ALA B 196 -4.61 14.98 -3.92
C ALA B 196 -4.11 16.45 -4.03
N GLY B 197 -4.25 17.04 -5.21
CA GLY B 197 -3.97 18.47 -5.43
C GLY B 197 -2.52 18.88 -5.52
N LYS B 198 -1.63 17.91 -5.76
CA LYS B 198 -0.21 18.19 -5.92
C LYS B 198 0.38 17.20 -6.89
N VAL B 199 1.58 17.50 -7.37
CA VAL B 199 2.35 16.54 -8.17
C VAL B 199 3.16 15.75 -7.16
N GLY B 200 3.43 14.48 -7.46
CA GLY B 200 4.18 13.63 -6.56
C GLY B 200 5.65 14.00 -6.58
N THR B 201 6.36 13.59 -5.54
CA THR B 201 7.81 13.83 -5.43
C THR B 201 8.50 12.49 -5.25
N PRO B 202 9.80 12.44 -5.58
CA PRO B 202 10.53 11.20 -5.32
C PRO B 202 10.47 10.70 -3.84
N LYS B 203 10.34 11.61 -2.87
CA LYS B 203 10.21 11.22 -1.47
C LYS B 203 8.92 10.46 -1.19
N ASP B 204 7.85 10.80 -1.91
CA ASP B 204 6.61 10.00 -1.79
C ASP B 204 6.86 8.51 -2.09
N ILE B 205 7.71 8.24 -3.08
CA ILE B 205 8.02 6.88 -3.45
C ILE B 205 9.06 6.28 -2.52
N SER B 206 10.11 7.02 -2.20
CA SER B 206 11.15 6.43 -1.36
C SER B 206 10.63 6.14 0.06
N ASN B 207 9.77 7.01 0.55
CA ASN B 207 9.17 6.73 1.85
C ASN B 207 8.46 5.39 1.83
N MET B 208 7.76 5.08 0.74
CA MET B 208 7.02 3.83 0.64
C MET B 208 7.98 2.64 0.47
N VAL B 209 9.07 2.84 -0.25
CA VAL B 209 10.05 1.76 -0.36
C VAL B 209 10.61 1.37 1.01
N LEU B 210 11.03 2.35 1.81
CA LEU B 210 11.65 2.07 3.09
C LEU B 210 10.64 1.45 4.05
N PHE B 211 9.41 1.97 3.99
CA PHE B 211 8.34 1.41 4.83
C PHE B 211 8.08 -0.05 4.48
N LEU B 212 7.89 -0.36 3.21
CA LEU B 212 7.67 -1.76 2.79
C LEU B 212 8.78 -2.71 3.20
N CYS B 213 10.02 -2.24 3.18
CA CYS B 213 11.13 -3.11 3.57
C CYS B 213 11.05 -3.51 5.02
N GLN B 214 10.30 -2.74 5.82
CA GLN B 214 10.20 -2.99 7.28
C GLN B 214 8.95 -3.77 7.65
N GLN B 215 8.09 -4.04 6.69
CA GLN B 215 6.85 -4.72 7.01
C GLN B 215 7.16 -6.21 6.88
N ASP B 216 6.46 -7.07 7.61
CA ASP B 216 6.69 -8.48 7.37
C ASP B 216 5.43 -9.27 7.04
N PHE B 217 4.32 -8.58 6.78
CA PHE B 217 3.10 -9.30 6.45
C PHE B 217 2.53 -8.77 5.15
N ILE B 218 3.36 -8.09 4.35
CA ILE B 218 2.92 -7.65 3.03
C ILE B 218 3.86 -8.27 2.03
N THR B 219 3.31 -9.06 1.12
CA THR B 219 4.12 -9.59 0.01
C THR B 219 3.23 -9.83 -1.20
N GLY B 220 3.79 -9.60 -2.39
CA GLY B 220 3.07 -9.84 -3.64
C GLY B 220 2.21 -8.67 -4.10
N GLU B 221 2.21 -7.57 -3.32
CA GLU B 221 1.26 -6.48 -3.51
CA GLU B 221 1.25 -6.51 -3.58
C GLU B 221 1.85 -5.35 -4.37
N THR B 222 0.98 -4.66 -5.10
CA THR B 222 1.35 -3.43 -5.81
C THR B 222 0.54 -2.29 -5.20
N ILE B 223 1.23 -1.26 -4.73
CA ILE B 223 0.57 -0.10 -4.09
C ILE B 223 0.64 1.09 -5.03
N ILE B 224 -0.52 1.67 -5.32
CA ILE B 224 -0.59 2.83 -6.19
C ILE B 224 -0.33 4.10 -5.44
N VAL B 225 0.64 4.87 -5.93
CA VAL B 225 1.01 6.16 -5.34
C VAL B 225 0.90 7.22 -6.43
N ASP B 226 -0.32 7.74 -6.63
CA ASP B 226 -0.59 8.61 -7.79
C ASP B 226 -1.55 9.76 -7.48
N GLY B 227 -1.69 10.05 -6.20
CA GLY B 227 -2.53 11.17 -5.80
C GLY B 227 -3.96 10.93 -6.08
N GLY B 228 -4.33 9.66 -6.28
CA GLY B 228 -5.74 9.38 -6.55
C GLY B 228 -6.14 9.46 -8.02
N MET B 229 -5.20 9.76 -8.91
CA MET B 229 -5.58 10.00 -10.31
C MET B 229 -6.33 8.81 -10.95
N SER B 230 -5.85 7.59 -10.71
CA SER B 230 -6.44 6.41 -11.37
C SER B 230 -7.83 6.12 -10.86
N LYS B 231 -8.14 6.64 -9.68
CA LYS B 231 -9.46 6.40 -9.09
C LYS B 231 -10.47 7.43 -9.49
N ARG B 232 -10.04 8.49 -10.20
CA ARG B 232 -10.99 9.50 -10.62
C ARG B 232 -11.71 9.07 -11.91
N MET B 233 -13.03 8.84 -11.81
CA MET B 233 -13.84 8.66 -13.01
C MET B 233 -13.99 9.97 -13.75
N ILE B 234 -13.68 9.95 -15.05
CA ILE B 234 -13.72 11.13 -15.86
C ILE B 234 -14.54 10.90 -17.13
N TYR B 235 -15.57 11.73 -17.31
CA TYR B 235 -16.36 11.77 -18.53
C TYR B 235 -16.40 13.16 -19.07
N HIS B 236 -16.29 13.30 -20.39
CA HIS B 236 -16.30 14.60 -21.00
C HIS B 236 -17.49 15.46 -20.56
N GLY B 237 -17.20 16.69 -20.16
CA GLY B 237 -18.25 17.65 -19.86
C GLY B 237 -18.76 17.60 -18.43
N ASP B 238 -18.32 16.62 -17.66
CA ASP B 238 -18.78 16.45 -16.28
C ASP B 238 -17.67 16.72 -15.28
N TRP B 239 -18.03 17.31 -14.15
CA TRP B 239 -17.08 17.52 -13.06
C TRP B 239 -15.73 18.06 -13.53
N ASN B 240 -15.77 19.10 -14.37
CA ASN B 240 -14.62 19.93 -14.66
C ASN B 240 -13.65 19.37 -15.71
N TRP B 241 -13.97 18.24 -16.31
CA TRP B 241 -13.11 17.66 -17.35
C TRP B 241 -13.76 17.78 -18.72
N PHE B 242 -12.91 18.07 -19.70
CA PHE B 242 -13.36 18.25 -21.07
C PHE B 242 -12.39 17.64 -22.07
N TYR B 243 -12.96 17.04 -23.10
CA TYR B 243 -12.20 16.43 -24.18
C TYR B 243 -12.26 17.36 -25.39
N LYS B 244 -11.11 17.58 -26.03
CA LYS B 244 -11.07 18.46 -27.20
C LYS B 244 -10.66 17.66 -28.42
N ILE B 245 -11.42 17.78 -29.50
CA ILE B 245 -11.06 17.12 -30.74
C ILE B 245 -10.13 18.04 -31.52
N ASP B 246 -9.02 17.49 -32.00
CA ASP B 246 -8.03 18.30 -32.70
C ASP B 246 -8.61 18.97 -33.95
C1 GOL C . -8.76 -16.63 8.27
O1 GOL C . -8.67 -17.91 8.88
C2 GOL C . -9.05 -15.57 9.35
O2 GOL C . -8.84 -14.30 8.79
C3 GOL C . -10.51 -15.63 9.69
O3 GOL C . -11.19 -15.61 8.47
S1 THJ D . -17.13 -5.04 16.34
O1 THJ D . -18.07 -4.78 15.01
O2 THJ D . -16.63 -6.60 16.43
O3 THJ D . -17.98 -4.65 17.70
S2 THJ D . -15.48 -3.78 16.09
S1 THJ E . -5.48 -3.16 28.87
O1 THJ E . -4.82 -4.62 29.25
O2 THJ E . -6.81 -3.27 27.94
O3 THJ E . -4.34 -2.29 28.08
S2 THJ E . -6.17 -2.22 30.61
NA NA F . -8.84 7.61 29.76
C1 GOL G . 3.98 11.86 -17.34
O1 GOL G . 3.60 10.54 -17.66
C2 GOL G . 3.51 12.04 -15.93
O2 GOL G . 3.70 10.79 -15.31
C3 GOL G . 2.02 12.29 -15.99
O3 GOL G . 1.78 13.31 -16.95
S1 THJ H . 16.64 5.04 -16.84
O1 THJ H . 15.77 3.90 -17.67
O2 THJ H . 15.94 6.53 -17.06
O3 THJ H . 18.20 5.10 -17.38
S2 THJ H . 16.61 4.48 -14.82
NA NA I . 30.99 6.89 -2.76
#